data_3RUT
#
_entry.id   3RUT
#
_cell.length_a   158.274
_cell.length_b   158.274
_cell.length_c   158.274
_cell.angle_alpha   90.000
_cell.angle_beta   90.000
_cell.angle_gamma   90.000
#
_symmetry.space_group_name_H-M   'F 2 3'
#
loop_
_entity.id
_entity.type
_entity.pdbx_description
1 polymer 'Bile acid receptor'
2 polymer 'Nuclear receptor coactivator 1'
3 non-polymer 'SULFATE ION'
4 non-polymer '6-(4-{[3-(2,6-dichlorophenyl)-5-(propan-2-yl)-1,2-oxazol-4-yl]methoxy}phenyl)-1-benzothiophene-3-carboxylic acid'
5 water water
#
loop_
_entity_poly.entity_id
_entity_poly.type
_entity_poly.pdbx_seq_one_letter_code
_entity_poly.pdbx_strand_id
1 'polypeptide(L)'
;ELTPDQQTLLHFIMDSYNKQRMPQEITNKILKEEFSAEENFLILTEMATNHVQVLVEFTKKLPGFQTLDHEDQIALLKGS
AVEAMFLRSAEIFNKKLPSGHSDLLEERIRNSGISDEYITPMFSFYKSIGELKMTQEEYALLTAIVILSPDRQYIKDREA
VEKLQEPLLDVLQKLCKIHQPENPQHFACLLGRLTELRTFNHHHAEMLMSWRVNDHKFTPLLCEIWDVQ
;
A
2 'polypeptide(L)' DHQLLRYLLDK B
#
# COMPACT_ATOMS: atom_id res chain seq x y z
N GLU A 1 -24.77 -11.83 8.51
CA GLU A 1 -24.02 -11.02 7.53
C GLU A 1 -24.62 -9.62 7.41
N LEU A 2 -23.74 -8.61 7.30
CA LEU A 2 -24.14 -7.21 7.04
C LEU A 2 -24.96 -6.55 8.15
N THR A 3 -24.29 -5.89 9.09
CA THR A 3 -24.98 -5.06 10.09
C THR A 3 -25.04 -3.63 9.53
N PRO A 4 -25.80 -2.72 10.18
CA PRO A 4 -25.94 -1.38 9.60
C PRO A 4 -24.70 -0.51 9.77
N ASP A 5 -24.00 -0.67 10.89
CA ASP A 5 -22.73 0.06 11.13
C ASP A 5 -21.57 -0.48 10.29
N GLN A 6 -21.75 -1.67 9.71
CA GLN A 6 -20.74 -2.28 8.82
C GLN A 6 -20.99 -1.93 7.36
N GLN A 7 -22.25 -1.95 6.93
CA GLN A 7 -22.62 -1.53 5.58
C GLN A 7 -22.29 -0.06 5.35
N THR A 8 -22.36 0.73 6.43
CA THR A 8 -21.97 2.14 6.37
C THR A 8 -20.45 2.29 6.31
N LEU A 9 -19.74 1.49 7.12
CA LEU A 9 -18.28 1.53 7.22
C LEU A 9 -17.61 1.21 5.88
N LEU A 10 -18.19 0.27 5.15
CA LEU A 10 -17.65 -0.18 3.87
C LEU A 10 -17.79 0.85 2.74
N HIS A 11 -18.98 1.46 2.61
CA HIS A 11 -19.24 2.36 1.49
C HIS A 11 -18.53 3.72 1.66
N PHE A 12 -18.20 4.07 2.90
CA PHE A 12 -17.30 5.19 3.17
C PHE A 12 -15.88 4.84 2.74
N ILE A 13 -15.48 3.59 2.97
CA ILE A 13 -14.16 3.09 2.59
C ILE A 13 -14.00 2.91 1.08
N MET A 14 -14.94 2.21 0.45
CA MET A 14 -14.87 1.99 -1.00
C MET A 14 -15.06 3.28 -1.78
N ASP A 15 -15.63 4.30 -1.14
CA ASP A 15 -15.69 5.65 -1.70
C ASP A 15 -14.29 6.27 -1.75
N SER A 16 -13.60 6.22 -0.61
CA SER A 16 -12.21 6.72 -0.49
C SER A 16 -11.25 5.97 -1.40
N TYR A 17 -11.39 4.64 -1.46
CA TYR A 17 -10.50 3.79 -2.24
C TYR A 17 -10.67 3.98 -3.74
N ASN A 18 -11.81 4.55 -4.15
CA ASN A 18 -12.09 4.75 -5.56
C ASN A 18 -11.88 6.19 -5.98
N LYS A 19 -11.54 7.06 -5.03
CA LYS A 19 -11.22 8.46 -5.34
C LYS A 19 -10.00 8.48 -6.26
N GLN A 20 -10.28 8.49 -7.58
CA GLN A 20 -9.23 8.42 -8.62
C GLN A 20 -8.21 9.53 -8.43
N ARG A 21 -7.10 9.18 -7.78
CA ARG A 21 -6.15 10.15 -7.25
C ARG A 21 -4.91 10.30 -8.11
N MET A 22 -4.33 9.19 -8.56
CA MET A 22 -3.12 9.24 -9.41
C MET A 22 -3.44 9.85 -10.78
N PRO A 23 -2.93 11.08 -11.03
CA PRO A 23 -3.28 11.73 -12.29
C PRO A 23 -2.82 10.93 -13.50
N GLN A 24 -3.62 10.92 -14.55
CA GLN A 24 -3.33 10.16 -15.77
C GLN A 24 -2.06 10.69 -16.44
N GLU A 25 -1.86 12.00 -16.39
CA GLU A 25 -0.69 12.65 -16.96
C GLU A 25 0.60 12.03 -16.41
N ILE A 26 0.58 11.71 -15.12
CA ILE A 26 1.73 11.11 -14.44
C ILE A 26 1.86 9.63 -14.81
N THR A 27 0.78 8.87 -14.62
CA THR A 27 0.82 7.42 -14.82
C THR A 27 1.06 7.04 -16.28
N ASN A 28 0.64 7.89 -17.21
CA ASN A 28 0.89 7.67 -18.64
C ASN A 28 2.37 7.48 -18.95
N LYS A 29 3.24 8.14 -18.19
CA LYS A 29 4.69 8.03 -18.37
C LYS A 29 5.22 6.59 -18.36
N ILE A 30 4.54 5.69 -17.67
CA ILE A 30 4.89 4.28 -17.70
C ILE A 30 4.91 3.76 -19.15
N LEU A 31 3.98 4.30 -19.95
CA LEU A 31 3.85 3.93 -21.36
C LEU A 31 4.86 4.65 -22.26
N LYS A 32 4.81 5.99 -22.27
CA LYS A 32 5.48 6.76 -23.34
C LYS A 32 6.98 6.95 -23.21
N GLU A 33 7.49 7.07 -21.99
CA GLU A 33 8.92 7.36 -21.79
C GLU A 33 9.82 6.19 -22.24
N GLU A 34 11.11 6.48 -22.39
CA GLU A 34 12.06 5.46 -22.86
C GLU A 34 12.28 4.41 -21.78
N PHE A 35 12.71 3.23 -22.21
CA PHE A 35 12.98 2.13 -21.30
C PHE A 35 14.48 1.99 -21.12
N SER A 36 15.01 2.67 -20.11
CA SER A 36 16.38 2.52 -19.67
C SER A 36 16.41 2.36 -18.16
N ALA A 37 17.47 1.76 -17.65
CA ALA A 37 17.66 1.59 -16.20
C ALA A 37 17.48 2.90 -15.41
N GLU A 38 17.96 4.01 -15.97
CA GLU A 38 17.81 5.31 -15.30
C GLU A 38 16.37 5.81 -15.39
N GLU A 39 15.81 5.82 -16.59
CA GLU A 39 14.46 6.35 -16.80
C GLU A 39 13.40 5.52 -16.10
N ASN A 40 13.60 4.20 -16.06
CA ASN A 40 12.73 3.29 -15.33
C ASN A 40 12.73 3.59 -13.83
N PHE A 41 13.90 3.95 -13.29
CA PHE A 41 14.01 4.29 -11.88
C PHE A 41 13.33 5.61 -11.55
N LEU A 42 13.45 6.61 -12.42
CA LEU A 42 12.83 7.91 -12.16
C LEU A 42 11.33 7.79 -12.20
N ILE A 43 10.82 7.05 -13.17
CA ILE A 43 9.38 6.88 -13.32
C ILE A 43 8.82 6.18 -12.09
N LEU A 44 9.47 5.10 -11.67
CA LEU A 44 9.04 4.40 -10.47
C LEU A 44 9.06 5.31 -9.24
N THR A 45 10.11 6.13 -9.13
CA THR A 45 10.21 7.09 -8.02
C THR A 45 9.08 8.11 -8.09
N GLU A 46 8.74 8.53 -9.30
CA GLU A 46 7.65 9.48 -9.50
C GLU A 46 6.29 8.87 -9.16
N MET A 47 6.08 7.61 -9.50
CA MET A 47 4.83 6.94 -9.16
C MET A 47 4.69 6.86 -7.63
N ALA A 48 5.73 6.35 -6.98
CA ALA A 48 5.74 6.17 -5.52
C ALA A 48 5.51 7.47 -4.75
N THR A 49 6.14 8.56 -5.18
CA THR A 49 6.03 9.84 -4.47
C THR A 49 4.63 10.43 -4.61
N ASN A 50 4.00 10.21 -5.75
CA ASN A 50 2.61 10.59 -5.95
C ASN A 50 1.67 9.70 -5.16
N HIS A 51 2.03 8.42 -5.02
CA HIS A 51 1.18 7.47 -4.33
C HIS A 51 1.23 7.70 -2.83
N VAL A 52 2.40 8.09 -2.30
CA VAL A 52 2.52 8.45 -0.89
C VAL A 52 1.50 9.54 -0.54
N GLN A 53 1.24 10.43 -1.48
CA GLN A 53 0.24 11.48 -1.29
C GLN A 53 -1.18 10.91 -1.35
N VAL A 54 -1.41 10.00 -2.30
CA VAL A 54 -2.72 9.36 -2.44
C VAL A 54 -3.05 8.58 -1.17
N LEU A 55 -2.04 7.91 -0.62
CA LEU A 55 -2.21 7.12 0.60
C LEU A 55 -2.51 8.00 1.82
N VAL A 56 -1.85 9.14 1.92
CA VAL A 56 -2.07 10.06 3.04
C VAL A 56 -3.46 10.69 3.00
N GLU A 57 -4.01 10.90 1.81
CA GLU A 57 -5.39 11.37 1.69
C GLU A 57 -6.35 10.24 2.05
N PHE A 58 -6.12 9.06 1.46
CA PHE A 58 -6.92 7.87 1.76
C PHE A 58 -6.93 7.54 3.25
N THR A 59 -5.76 7.59 3.87
CA THR A 59 -5.65 7.29 5.30
C THR A 59 -6.34 8.34 6.17
N LYS A 60 -6.38 9.56 5.66
CA LYS A 60 -7.08 10.66 6.32
C LYS A 60 -8.57 10.31 6.41
N LYS A 61 -9.13 9.86 5.29
CA LYS A 61 -10.56 9.54 5.20
C LYS A 61 -10.94 8.25 5.94
N LEU A 62 -9.96 7.56 6.52
CA LEU A 62 -10.25 6.38 7.35
C LEU A 62 -10.93 6.80 8.66
N PRO A 63 -12.04 6.11 9.03
CA PRO A 63 -12.80 6.38 10.25
C PRO A 63 -11.94 6.41 11.51
N GLY A 64 -11.94 7.54 12.21
CA GLY A 64 -11.32 7.64 13.52
C GLY A 64 -9.81 7.79 13.51
N PHE A 65 -9.22 7.93 12.31
CA PHE A 65 -7.78 8.08 12.19
C PHE A 65 -7.31 9.40 12.78
N GLN A 66 -8.12 10.45 12.61
CA GLN A 66 -7.77 11.78 13.06
C GLN A 66 -8.07 12.00 14.55
N THR A 67 -8.72 11.02 15.17
CA THR A 67 -8.93 11.01 16.61
C THR A 67 -7.70 10.46 17.36
N LEU A 68 -6.75 9.87 16.62
CA LEU A 68 -5.53 9.31 17.22
C LEU A 68 -4.50 10.37 17.59
N ASP A 69 -3.52 9.98 18.39
CA ASP A 69 -2.39 10.84 18.75
C ASP A 69 -1.58 11.20 17.49
N HIS A 70 -1.08 12.44 17.45
CA HIS A 70 -0.33 12.94 16.29
C HIS A 70 1.00 12.23 16.07
N GLU A 71 1.71 11.89 17.15
CA GLU A 71 2.94 11.10 17.03
C GLU A 71 2.66 9.69 16.50
N ASP A 72 1.51 9.12 16.87
CA ASP A 72 1.11 7.80 16.39
C ASP A 72 0.68 7.84 14.91
N GLN A 73 0.11 8.96 14.47
CA GLN A 73 -0.33 9.10 13.08
C GLN A 73 0.82 8.96 12.07
N ILE A 74 1.99 9.53 12.41
CA ILE A 74 3.18 9.42 11.55
C ILE A 74 3.72 8.00 11.55
N ALA A 75 3.81 7.40 12.73
CA ALA A 75 4.37 6.04 12.91
C ALA A 75 3.68 5.00 12.04
N LEU A 76 2.34 5.10 11.95
CA LEU A 76 1.53 4.22 11.13
C LEU A 76 1.81 4.42 9.65
N LEU A 77 1.89 5.70 9.25
CA LEU A 77 2.16 6.04 7.85
C LEU A 77 3.56 5.59 7.42
N LYS A 78 4.54 5.80 8.30
CA LYS A 78 5.91 5.40 7.99
C LYS A 78 6.04 3.88 7.90
N GLY A 79 5.38 3.17 8.80
CA GLY A 79 5.46 1.71 8.84
C GLY A 79 4.69 1.00 7.74
N SER A 80 3.59 1.61 7.29
CA SER A 80 2.67 0.94 6.36
C SER A 80 2.79 1.37 4.89
N ALA A 81 3.39 2.52 4.62
CA ALA A 81 3.44 3.03 3.25
C ALA A 81 3.99 2.00 2.26
N VAL A 82 5.05 1.30 2.63
CA VAL A 82 5.64 0.30 1.75
C VAL A 82 4.67 -0.84 1.47
N GLU A 83 4.01 -1.34 2.51
CA GLU A 83 3.08 -2.44 2.37
C GLU A 83 1.85 -2.01 1.57
N ALA A 84 1.38 -0.79 1.79
CA ALA A 84 0.30 -0.21 0.98
C ALA A 84 0.69 -0.17 -0.49
N MET A 85 1.94 0.14 -0.78
CA MET A 85 2.42 0.24 -2.15
C MET A 85 2.52 -1.11 -2.85
N PHE A 86 3.04 -2.12 -2.15
CA PHE A 86 3.06 -3.49 -2.68
C PHE A 86 1.65 -3.92 -3.05
N LEU A 87 0.67 -3.53 -2.24
CA LEU A 87 -0.71 -3.96 -2.44
C LEU A 87 -1.34 -3.32 -3.65
N ARG A 88 -1.11 -2.01 -3.83
CA ARG A 88 -1.67 -1.29 -4.97
C ARG A 88 -1.05 -1.74 -6.28
N SER A 89 0.27 -1.93 -6.30
CA SER A 89 0.97 -2.45 -7.48
C SER A 89 0.55 -3.88 -7.80
N ALA A 90 0.28 -4.67 -6.76
CA ALA A 90 -0.28 -6.01 -6.92
C ALA A 90 -1.62 -5.95 -7.64
N GLU A 91 -2.49 -5.05 -7.20
CA GLU A 91 -3.77 -4.86 -7.85
C GLU A 91 -3.59 -4.48 -9.32
N ILE A 92 -2.55 -3.70 -9.61
CA ILE A 92 -2.23 -3.32 -10.98
C ILE A 92 -1.93 -4.53 -11.84
N PHE A 93 -1.04 -5.41 -11.37
CA PHE A 93 -0.63 -6.60 -12.13
C PHE A 93 -1.71 -7.67 -12.21
N ASN A 94 -2.50 -7.82 -11.15
CA ASN A 94 -3.50 -8.89 -11.06
C ASN A 94 -4.76 -8.59 -11.85
N LYS A 95 -5.41 -7.49 -11.51
CA LYS A 95 -6.66 -7.09 -12.15
C LYS A 95 -6.41 -6.32 -13.45
N LYS A 96 -5.13 -6.21 -13.84
CA LYS A 96 -4.74 -5.61 -15.12
C LYS A 96 -5.31 -4.20 -15.30
N LEU A 97 -5.15 -3.37 -14.26
CA LEU A 97 -5.70 -2.02 -14.26
C LEU A 97 -5.10 -1.19 -15.41
N PRO A 98 -5.97 -0.52 -16.19
CA PRO A 98 -5.51 0.23 -17.37
C PRO A 98 -4.56 1.39 -17.06
N SER A 99 -4.73 2.03 -15.91
CA SER A 99 -3.85 3.12 -15.48
C SER A 99 -2.49 2.61 -14.97
N GLY A 100 -2.41 1.31 -14.71
CA GLY A 100 -1.15 0.70 -14.27
C GLY A 100 -0.22 0.33 -15.41
N HIS A 101 -0.79 0.05 -16.58
CA HIS A 101 0.00 -0.35 -17.75
C HIS A 101 0.88 -1.53 -17.36
N SER A 102 0.21 -2.60 -16.93
CA SER A 102 0.83 -3.72 -16.23
C SER A 102 2.17 -4.18 -16.81
N ASP A 103 2.16 -4.61 -18.07
CA ASP A 103 3.36 -5.22 -18.66
C ASP A 103 4.54 -4.29 -18.65
N LEU A 104 4.30 -3.02 -18.98
CA LEU A 104 5.35 -2.01 -19.04
C LEU A 104 5.83 -1.62 -17.66
N LEU A 105 4.89 -1.50 -16.71
CA LEU A 105 5.29 -1.28 -15.31
C LEU A 105 6.15 -2.43 -14.80
N GLU A 106 5.89 -3.65 -15.28
CA GLU A 106 6.72 -4.79 -14.91
C GLU A 106 8.11 -4.68 -15.51
N GLU A 107 8.20 -4.23 -16.76
CA GLU A 107 9.47 -4.06 -17.44
C GLU A 107 10.35 -3.04 -16.73
N ARG A 108 9.73 -1.98 -16.23
CA ARG A 108 10.46 -0.91 -15.54
C ARG A 108 11.00 -1.39 -14.19
N ILE A 109 10.16 -2.05 -13.41
CA ILE A 109 10.60 -2.63 -12.14
C ILE A 109 11.74 -3.61 -12.37
N ARG A 110 11.60 -4.48 -13.37
CA ARG A 110 12.60 -5.51 -13.67
C ARG A 110 13.94 -4.99 -14.19
N ASN A 111 13.97 -3.73 -14.63
CA ASN A 111 15.23 -3.08 -14.99
C ASN A 111 15.28 -1.68 -14.37
N SER A 112 15.56 -1.64 -13.08
CA SER A 112 15.68 -0.38 -12.35
C SER A 112 16.65 -0.49 -11.17
N GLY A 113 17.68 -1.31 -11.32
CA GLY A 113 18.72 -1.44 -10.30
C GLY A 113 18.43 -2.43 -9.18
N ILE A 114 17.22 -2.98 -9.15
CA ILE A 114 16.82 -3.94 -8.13
C ILE A 114 17.47 -5.29 -8.41
N SER A 115 18.10 -5.87 -7.38
CA SER A 115 18.76 -7.17 -7.48
C SER A 115 17.76 -8.30 -7.67
N ASP A 116 18.25 -9.44 -8.15
CA ASP A 116 17.41 -10.63 -8.36
C ASP A 116 16.85 -11.19 -7.04
N GLU A 117 17.68 -11.13 -5.99
CA GLU A 117 17.26 -11.55 -4.64
C GLU A 117 15.89 -11.00 -4.26
N TYR A 118 15.63 -9.75 -4.63
CA TYR A 118 14.38 -9.07 -4.28
C TYR A 118 13.31 -9.16 -5.37
N ILE A 119 13.72 -9.34 -6.62
CA ILE A 119 12.79 -9.41 -7.74
C ILE A 119 12.02 -10.74 -7.76
N THR A 120 12.72 -11.84 -7.48
CA THR A 120 12.09 -13.17 -7.49
C THR A 120 10.94 -13.27 -6.48
N PRO A 121 11.20 -12.99 -5.19
CA PRO A 121 10.11 -13.01 -4.21
C PRO A 121 9.00 -12.02 -4.53
N MET A 122 9.39 -10.87 -5.05
CA MET A 122 8.45 -9.81 -5.38
C MET A 122 7.38 -10.33 -6.32
N PHE A 123 7.78 -10.83 -7.47
CA PHE A 123 6.81 -11.26 -8.48
C PHE A 123 6.21 -12.62 -8.15
N SER A 124 6.93 -13.42 -7.35
CA SER A 124 6.34 -14.61 -6.76
C SER A 124 5.14 -14.22 -5.90
N PHE A 125 5.32 -13.17 -5.08
CA PHE A 125 4.22 -12.63 -4.28
C PHE A 125 3.10 -12.14 -5.19
N TYR A 126 3.43 -11.33 -6.19
CA TYR A 126 2.44 -10.81 -7.13
C TYR A 126 1.66 -11.94 -7.80
N LYS A 127 2.37 -12.97 -8.22
CA LYS A 127 1.75 -14.11 -8.91
C LYS A 127 0.75 -14.81 -8.01
N SER A 128 1.15 -15.11 -6.78
CA SER A 128 0.34 -15.89 -5.86
C SER A 128 -0.85 -15.11 -5.34
N ILE A 129 -0.64 -13.84 -4.99
CA ILE A 129 -1.72 -13.00 -4.52
C ILE A 129 -2.84 -12.87 -5.56
N GLY A 130 -2.46 -12.84 -6.84
CA GLY A 130 -3.43 -12.71 -7.93
C GLY A 130 -4.27 -13.94 -8.13
N GLU A 131 -3.72 -15.10 -7.80
CA GLU A 131 -4.44 -16.37 -7.91
C GLU A 131 -5.50 -16.56 -6.83
N LEU A 132 -5.58 -15.64 -5.86
CA LEU A 132 -6.73 -15.55 -4.96
C LEU A 132 -7.95 -14.92 -5.65
N LYS A 133 -7.72 -14.21 -6.74
CA LYS A 133 -8.78 -13.52 -7.45
C LYS A 133 -9.52 -12.61 -6.47
N MET A 134 -8.79 -11.69 -5.87
CA MET A 134 -9.33 -10.71 -4.94
C MET A 134 -10.23 -9.71 -5.65
N THR A 135 -11.32 -9.33 -4.99
CA THR A 135 -12.22 -8.31 -5.51
C THR A 135 -11.72 -6.97 -5.01
N GLN A 136 -12.17 -5.88 -5.63
CA GLN A 136 -11.74 -4.54 -5.22
C GLN A 136 -11.98 -4.29 -3.73
N GLU A 137 -13.10 -4.82 -3.23
CA GLU A 137 -13.43 -4.72 -1.81
C GLU A 137 -12.31 -5.31 -0.97
N GLU A 138 -11.88 -6.51 -1.34
CA GLU A 138 -10.84 -7.21 -0.60
C GLU A 138 -9.52 -6.41 -0.61
N TYR A 139 -9.25 -5.72 -1.73
CA TYR A 139 -8.05 -4.88 -1.84
C TYR A 139 -8.10 -3.66 -0.94
N ALA A 140 -9.25 -3.01 -0.87
CA ALA A 140 -9.39 -1.79 -0.07
C ALA A 140 -9.21 -2.09 1.41
N LEU A 141 -9.95 -3.08 1.89
CA LEU A 141 -9.99 -3.43 3.30
C LEU A 141 -8.62 -3.90 3.80
N LEU A 142 -7.89 -4.62 2.97
CA LEU A 142 -6.54 -5.03 3.32
C LEU A 142 -5.64 -3.82 3.50
N THR A 143 -5.75 -2.85 2.59
CA THR A 143 -4.98 -1.62 2.71
C THR A 143 -5.26 -0.96 4.07
N ALA A 144 -6.52 -0.61 4.32
CA ALA A 144 -6.89 0.00 5.59
C ALA A 144 -6.39 -0.81 6.78
N ILE A 145 -6.45 -2.13 6.68
CA ILE A 145 -5.98 -3.02 7.75
C ILE A 145 -4.47 -2.97 7.89
N VAL A 146 -3.77 -2.90 6.76
CA VAL A 146 -2.31 -2.78 6.77
C VAL A 146 -1.88 -1.45 7.39
N ILE A 147 -2.61 -0.38 7.04
CA ILE A 147 -2.30 0.95 7.56
C ILE A 147 -2.60 1.06 9.06
N LEU A 148 -3.68 0.42 9.50
CA LEU A 148 -4.12 0.48 10.90
C LEU A 148 -3.60 -0.70 11.74
N SER A 149 -2.37 -1.14 11.47
CA SER A 149 -1.77 -2.23 12.24
C SER A 149 -1.09 -1.65 13.48
N PRO A 150 -1.42 -2.18 14.68
CA PRO A 150 -0.79 -1.71 15.91
C PRO A 150 0.57 -2.34 16.18
N ASP A 151 0.96 -3.35 15.42
CA ASP A 151 2.21 -4.06 15.68
C ASP A 151 3.44 -3.23 15.35
N ARG A 152 3.26 -2.17 14.55
CA ARG A 152 4.38 -1.34 14.08
C ARG A 152 5.32 -0.92 15.20
N GLN A 153 6.56 -0.66 14.83
CA GLN A 153 7.57 -0.15 15.76
C GLN A 153 7.30 1.32 16.05
N TYR A 154 7.79 1.78 17.21
CA TYR A 154 7.65 3.18 17.64
C TYR A 154 6.19 3.64 17.88
N ILE A 155 5.27 2.70 18.00
CA ILE A 155 3.87 3.03 18.27
C ILE A 155 3.66 3.13 19.78
N LYS A 156 3.05 4.24 20.22
CA LYS A 156 2.82 4.47 21.65
C LYS A 156 1.51 3.82 22.10
N ASP A 157 0.39 4.37 21.66
CA ASP A 157 -0.94 3.91 22.08
C ASP A 157 -1.47 2.87 21.10
N ARG A 158 -1.15 1.60 21.34
CA ARG A 158 -1.49 0.52 20.41
C ARG A 158 -2.95 0.08 20.52
N GLU A 159 -3.50 0.14 21.73
CA GLU A 159 -4.91 -0.22 21.97
C GLU A 159 -5.86 0.71 21.20
N ALA A 160 -5.49 2.00 21.11
CA ALA A 160 -6.28 2.97 20.36
C ALA A 160 -6.33 2.64 18.87
N VAL A 161 -5.25 2.08 18.34
CA VAL A 161 -5.18 1.65 16.94
C VAL A 161 -5.99 0.37 16.74
N GLU A 162 -5.72 -0.63 17.58
CA GLU A 162 -6.44 -1.90 17.55
C GLU A 162 -7.97 -1.68 17.58
N LYS A 163 -8.40 -0.64 18.28
CA LYS A 163 -9.81 -0.26 18.33
C LYS A 163 -10.36 0.16 16.95
N LEU A 164 -9.53 0.83 16.16
CA LEU A 164 -9.90 1.25 14.80
C LEU A 164 -9.76 0.11 13.79
N GLN A 165 -8.86 -0.84 14.08
CA GLN A 165 -8.60 -1.96 13.18
C GLN A 165 -9.72 -2.99 13.26
N GLU A 166 -10.11 -3.34 14.49
CA GLU A 166 -11.08 -4.43 14.74
C GLU A 166 -12.30 -4.42 13.84
N PRO A 167 -13.02 -3.27 13.75
CA PRO A 167 -14.20 -3.15 12.89
C PRO A 167 -14.00 -3.59 11.45
N LEU A 168 -12.81 -3.37 10.89
CA LEU A 168 -12.52 -3.73 9.50
C LEU A 168 -12.28 -5.23 9.34
N LEU A 169 -11.46 -5.79 10.23
CA LEU A 169 -11.22 -7.23 10.24
C LEU A 169 -12.52 -8.01 10.40
N ASP A 170 -13.45 -7.44 11.16
CA ASP A 170 -14.79 -8.01 11.32
C ASP A 170 -15.57 -7.93 10.00
N VAL A 171 -15.64 -6.74 9.43
CA VAL A 171 -16.32 -6.53 8.15
C VAL A 171 -15.79 -7.47 7.07
N LEU A 172 -14.47 -7.56 6.97
CA LEU A 172 -13.83 -8.40 5.95
C LEU A 172 -14.25 -9.86 6.08
N GLN A 173 -14.32 -10.36 7.31
CA GLN A 173 -14.68 -11.77 7.54
C GLN A 173 -16.12 -12.02 7.13
N LYS A 174 -17.03 -11.11 7.51
CA LYS A 174 -18.43 -11.22 7.12
C LYS A 174 -18.54 -11.33 5.60
N LEU A 175 -17.87 -10.44 4.89
CA LEU A 175 -17.80 -10.47 3.42
C LEU A 175 -17.38 -11.84 2.88
N CYS A 176 -16.44 -12.50 3.56
CA CYS A 176 -15.99 -13.83 3.17
C CYS A 176 -17.07 -14.89 3.45
N LYS A 177 -17.74 -14.78 4.60
CA LYS A 177 -18.83 -15.69 4.93
C LYS A 177 -20.00 -15.52 3.97
N ILE A 178 -20.26 -14.28 3.56
CA ILE A 178 -21.34 -13.96 2.62
C ILE A 178 -20.99 -14.38 1.18
N HIS A 179 -19.99 -13.75 0.59
CA HIS A 179 -19.63 -13.98 -0.82
C HIS A 179 -18.85 -15.27 -1.08
N GLN A 180 -18.32 -15.90 -0.03
CA GLN A 180 -17.56 -17.15 -0.18
C GLN A 180 -17.89 -18.20 0.88
N PRO A 181 -19.11 -18.77 0.83
CA PRO A 181 -19.41 -19.91 1.71
C PRO A 181 -18.67 -21.19 1.28
N GLU A 182 -18.50 -21.38 -0.02
CA GLU A 182 -17.83 -22.59 -0.56
C GLU A 182 -16.48 -22.88 0.09
N ASN A 183 -15.73 -21.83 0.49
CA ASN A 183 -14.49 -21.99 1.25
C ASN A 183 -14.36 -20.92 2.35
N PRO A 184 -14.41 -21.33 3.62
CA PRO A 184 -14.26 -20.40 4.75
C PRO A 184 -12.79 -20.11 5.13
N GLN A 185 -11.85 -20.81 4.49
CA GLN A 185 -10.42 -20.52 4.66
C GLN A 185 -9.99 -19.27 3.89
N HIS A 186 -10.95 -18.55 3.31
CA HIS A 186 -10.66 -17.38 2.49
C HIS A 186 -10.22 -16.20 3.35
N PHE A 187 -10.86 -16.01 4.50
CA PHE A 187 -10.46 -14.95 5.43
C PHE A 187 -8.99 -15.10 5.83
N ALA A 188 -8.56 -16.33 6.10
CA ALA A 188 -7.18 -16.61 6.52
C ALA A 188 -6.18 -16.43 5.38
N CYS A 189 -6.60 -16.72 4.15
CA CYS A 189 -5.78 -16.43 2.98
C CYS A 189 -5.52 -14.93 2.82
N LEU A 190 -6.56 -14.14 3.03
CA LEU A 190 -6.44 -12.69 2.95
C LEU A 190 -5.51 -12.14 4.04
N LEU A 191 -5.69 -12.63 5.27
CA LEU A 191 -4.86 -12.20 6.39
C LEU A 191 -3.43 -12.71 6.29
N GLY A 192 -3.25 -13.82 5.57
CA GLY A 192 -1.94 -14.41 5.34
C GLY A 192 -0.98 -13.46 4.65
N ARG A 193 -1.51 -12.63 3.76
CA ARG A 193 -0.72 -11.66 3.01
C ARG A 193 -0.15 -10.55 3.87
N LEU A 194 -0.79 -10.27 5.01
CA LEU A 194 -0.26 -9.28 5.95
C LEU A 194 1.13 -9.68 6.43
N THR A 195 1.32 -10.97 6.68
CA THR A 195 2.61 -11.48 7.13
C THR A 195 3.60 -11.52 5.97
N GLU A 196 3.12 -11.80 4.77
CA GLU A 196 3.98 -11.85 3.59
C GLU A 196 4.50 -10.44 3.29
N LEU A 197 3.57 -9.47 3.31
CA LEU A 197 3.90 -8.07 3.16
C LEU A 197 4.97 -7.60 4.14
N ARG A 198 4.98 -8.15 5.35
CA ARG A 198 5.98 -7.83 6.36
C ARG A 198 7.40 -8.25 5.95
N THR A 199 7.53 -9.45 5.39
CA THR A 199 8.84 -9.91 4.95
C THR A 199 9.45 -8.92 3.95
N PHE A 200 8.60 -8.31 3.13
CA PHE A 200 9.06 -7.35 2.14
C PHE A 200 9.43 -6.02 2.76
N ASN A 201 8.62 -5.56 3.69
CA ASN A 201 8.93 -4.37 4.48
C ASN A 201 10.34 -4.48 5.04
N HIS A 202 10.62 -5.62 5.66
CA HIS A 202 11.94 -5.88 6.25
C HIS A 202 13.05 -5.85 5.20
N HIS A 203 12.80 -6.41 4.01
CA HIS A 203 13.80 -6.41 2.94
C HIS A 203 13.97 -5.02 2.30
N HIS A 204 12.88 -4.25 2.26
CA HIS A 204 12.85 -3.00 1.48
C HIS A 204 13.96 -2.02 1.82
N ALA A 205 14.38 -1.99 3.08
CA ALA A 205 15.45 -1.10 3.52
C ALA A 205 16.76 -1.38 2.78
N GLU A 206 17.05 -2.65 2.50
CA GLU A 206 18.23 -3.03 1.74
C GLU A 206 18.16 -2.52 0.30
N MET A 207 17.00 -2.67 -0.35
CA MET A 207 16.80 -2.13 -1.68
C MET A 207 17.21 -0.66 -1.75
N LEU A 208 16.71 0.13 -0.81
CA LEU A 208 17.02 1.56 -0.77
C LEU A 208 18.51 1.83 -0.58
N MET A 209 19.16 1.03 0.26
CA MET A 209 20.61 1.16 0.47
C MET A 209 21.37 1.00 -0.85
N SER A 210 21.04 -0.07 -1.57
CA SER A 210 21.66 -0.37 -2.87
C SER A 210 21.56 0.79 -3.84
N TRP A 211 20.38 1.39 -3.90
CA TRP A 211 20.13 2.57 -4.70
C TRP A 211 20.95 3.77 -4.19
N ARG A 212 20.84 4.07 -2.90
CA ARG A 212 21.51 5.22 -2.30
C ARG A 212 23.01 5.26 -2.60
N VAL A 213 23.69 4.13 -2.39
CA VAL A 213 25.12 4.04 -2.68
C VAL A 213 25.42 4.18 -4.17
N ASN A 214 24.40 4.02 -5.02
CA ASN A 214 24.53 4.30 -6.45
C ASN A 214 24.00 5.69 -6.82
N ASP A 215 24.18 6.64 -5.92
CA ASP A 215 23.77 8.03 -6.15
C ASP A 215 22.37 8.13 -6.73
N HIS A 216 21.38 7.55 -6.05
CA HIS A 216 20.00 7.63 -6.51
C HIS A 216 19.17 8.60 -5.68
N LYS A 217 18.21 9.20 -6.37
CA LYS A 217 17.61 10.46 -5.94
C LYS A 217 16.63 10.29 -4.78
N PHE A 218 15.51 9.62 -5.07
CA PHE A 218 14.31 9.67 -4.24
C PHE A 218 13.82 11.12 -4.17
N THR A 219 12.80 11.36 -3.36
CA THR A 219 12.22 12.67 -3.22
C THR A 219 12.27 13.05 -1.75
N PRO A 220 12.15 14.36 -1.44
CA PRO A 220 12.03 14.81 -0.05
C PRO A 220 10.95 14.04 0.73
N LEU A 221 9.82 13.75 0.09
CA LEU A 221 8.72 13.06 0.74
C LEU A 221 9.02 11.58 1.02
N LEU A 222 9.44 10.83 0.00
CA LEU A 222 9.85 9.43 0.17
C LEU A 222 10.93 9.27 1.25
N CYS A 223 11.91 10.18 1.24
CA CYS A 223 12.97 10.18 2.24
C CYS A 223 12.45 10.42 3.64
N GLU A 224 11.40 11.23 3.77
CA GLU A 224 10.77 11.47 5.06
C GLU A 224 10.05 10.22 5.55
N ILE A 225 9.17 9.66 4.71
CA ILE A 225 8.37 8.49 5.07
C ILE A 225 9.18 7.22 5.31
N TRP A 226 10.37 7.14 4.72
CA TRP A 226 11.23 5.94 4.84
C TRP A 226 12.56 6.19 5.55
N ASP A 227 12.69 7.34 6.21
CA ASP A 227 13.91 7.63 6.98
C ASP A 227 15.18 7.35 6.18
N VAL A 228 15.25 7.89 4.97
CA VAL A 228 16.48 7.92 4.19
C VAL A 228 17.29 9.11 4.71
N GLN A 229 18.44 8.83 5.31
CA GLN A 229 19.24 9.87 6.01
C GLN A 229 19.67 11.01 5.08
N ASP B 1 10.84 17.84 13.07
CA ASP B 1 11.11 16.57 12.34
C ASP B 1 9.84 16.07 11.64
N HIS B 2 10.02 15.39 10.50
CA HIS B 2 8.91 14.77 9.76
C HIS B 2 7.80 15.77 9.43
N GLN B 3 8.19 16.86 8.76
CA GLN B 3 7.30 18.00 8.53
C GLN B 3 6.31 17.82 7.37
N LEU B 4 6.76 17.20 6.28
CA LEU B 4 5.91 17.03 5.08
C LEU B 4 4.70 16.15 5.32
N LEU B 5 4.87 15.11 6.12
CA LEU B 5 3.76 14.26 6.51
C LEU B 5 2.78 15.03 7.39
N ARG B 6 3.33 15.79 8.33
CA ARG B 6 2.54 16.68 9.18
C ARG B 6 1.72 17.64 8.30
N TYR B 7 2.42 18.32 7.41
CA TYR B 7 1.80 19.25 6.48
C TYR B 7 0.66 18.63 5.66
N LEU B 8 0.88 17.43 5.12
CA LEU B 8 -0.12 16.75 4.29
C LEU B 8 -1.33 16.31 5.11
N LEU B 9 -1.08 15.90 6.36
CA LEU B 9 -2.16 15.48 7.28
C LEU B 9 -3.10 16.63 7.68
N ASP B 10 -2.55 17.84 7.77
CA ASP B 10 -3.33 19.02 8.17
C ASP B 10 -3.83 19.86 6.98
N LYS B 11 -3.55 19.40 5.75
CA LYS B 11 -4.02 20.10 4.54
C LYS B 11 -5.40 19.59 4.12
#